data_1KLL
#
_entry.id   1KLL
#
_cell.length_a   44.751
_cell.length_b   60.458
_cell.length_c   44.077
_cell.angle_alpha   90.00
_cell.angle_beta   106.78
_cell.angle_gamma   90.00
#
_symmetry.space_group_name_H-M   'C 1 2 1'
#
loop_
_entity.id
_entity.type
_entity.pdbx_description
1 polymer 'mitomycin-binding protein'
2 non-polymer 1,2-CIS-1-HYDROXY-2,7-DIAMINO-MITOSENE
3 water water
#
_entity_poly.entity_id   1
_entity_poly.type   'polypeptide(L)'
_entity_poly.pdbx_seq_one_letter_code
;MSARISLFAVVVED(MSE)AKS(MSE)EFYRK(MSE)GVEIPAEADSAPHTEAVLDGGIRLAWDTVETVRSYDPEWQAPT
GGHRFAIAFEFPDTASVDKKYAELVDAGYEGHLKPWNAVWGQRYAIVKDPDGNVVDLFAPLP
;
_entity_poly.pdbx_strand_id   A
#
loop_
_chem_comp.id
_chem_comp.type
_chem_comp.name
_chem_comp.formula
MC non-polymer 1,2-CIS-1-HYDROXY-2,7-DIAMINO-MITOSENE 'C14 H16 N4 O5'
#
# COMPACT_ATOMS: atom_id res chain seq x y z
N ALA A 3 8.17 4.97 -24.49
CA ALA A 3 7.49 4.12 -23.51
C ALA A 3 6.77 4.96 -22.46
N ARG A 4 5.76 4.42 -21.79
CA ARG A 4 4.93 5.06 -20.78
C ARG A 4 4.85 4.18 -19.54
N ILE A 5 4.93 4.78 -18.36
CA ILE A 5 4.74 4.01 -17.14
C ILE A 5 3.25 3.71 -17.05
N SER A 6 2.98 2.43 -16.96
CA SER A 6 1.58 1.98 -17.05
C SER A 6 1.06 1.36 -15.76
N LEU A 7 1.97 0.79 -14.99
CA LEU A 7 1.59 -0.06 -13.88
C LEU A 7 2.68 -0.14 -12.84
N PHE A 8 2.28 -0.20 -11.58
CA PHE A 8 3.18 -0.46 -10.48
C PHE A 8 2.75 -1.78 -9.87
N ALA A 9 3.66 -2.69 -9.59
CA ALA A 9 3.30 -4.01 -9.14
C ALA A 9 3.95 -4.30 -7.78
N VAL A 10 3.20 -5.04 -6.98
CA VAL A 10 3.60 -5.43 -5.67
C VAL A 10 3.45 -6.96 -5.52
N VAL A 11 4.46 -7.59 -4.97
CA VAL A 11 4.42 -9.05 -4.76
C VAL A 11 3.85 -9.37 -3.39
N VAL A 12 2.80 -10.20 -3.34
CA VAL A 12 2.09 -10.41 -2.07
C VAL A 12 2.21 -11.86 -1.61
N GLU A 13 2.36 -12.14 -0.34
CA GLU A 13 2.44 -13.51 0.15
C GLU A 13 1.04 -14.14 0.21
N ASP A 14 0.07 -13.26 0.41
CA ASP A 14 -1.32 -13.66 0.61
C ASP A 14 -2.26 -12.62 0.00
N MSE A 15 -2.85 -12.97 -1.14
CA MSE A 15 -3.67 -11.97 -1.82
C MSE A 15 -4.78 -11.46 -0.92
O MSE A 15 -4.96 -10.23 -0.81
CB MSE A 15 -4.25 -12.54 -3.11
CG MSE A 15 -4.94 -11.55 -4.01
SE MSE A 15 -4.04 -10.19 -4.82
CE MSE A 15 -2.96 -11.11 -5.98
H MSE A 15 -2.75 -13.75 -1.46
HA MSE A 15 -3.10 -11.21 -2.05
HB2 MSE A 15 -3.52 -12.95 -3.62
HB3 MSE A 15 -4.88 -13.25 -2.89
HG2 MSE A 15 -5.65 -11.16 -3.49
HG3 MSE A 15 -5.37 -12.07 -4.72
HE1 MSE A 15 -2.43 -10.49 -6.48
HE2 MSE A 15 -3.51 -11.62 -6.59
HE3 MSE A 15 -2.39 -11.70 -5.48
N ALA A 16 -5.54 -12.38 -0.30
CA ALA A 16 -6.68 -11.89 0.50
C ALA A 16 -6.25 -10.96 1.63
N LYS A 17 -5.15 -11.28 2.30
CA LYS A 17 -4.73 -10.41 3.38
C LYS A 17 -4.30 -9.05 2.86
N SER A 18 -3.57 -9.01 1.73
CA SER A 18 -3.21 -7.72 1.18
C SER A 18 -4.43 -6.95 0.71
N MSE A 19 -5.41 -7.62 0.11
CA MSE A 19 -6.59 -6.90 -0.36
C MSE A 19 -7.39 -6.32 0.82
O MSE A 19 -8.03 -5.26 0.60
CB MSE A 19 -7.47 -7.80 -1.25
CG MSE A 19 -6.80 -8.17 -2.53
SE MSE A 19 -6.15 -6.88 -3.67
CE MSE A 19 -4.46 -6.95 -3.02
H MSE A 19 -5.34 -8.47 -0.01
HA MSE A 19 -6.28 -6.16 -0.91
HB2 MSE A 19 -7.70 -8.61 -0.76
HB3 MSE A 19 -8.30 -7.34 -1.45
HG2 MSE A 19 -7.41 -8.72 -3.03
HG3 MSE A 19 -6.05 -8.74 -2.29
HE1 MSE A 19 -3.92 -6.31 -3.49
HE2 MSE A 19 -4.10 -7.82 -3.14
HE3 MSE A 19 -4.47 -6.73 -2.08
N GLU A 20 -7.39 -6.99 1.98
CA GLU A 20 -8.14 -6.48 3.13
C GLU A 20 -7.56 -5.09 3.46
N PHE A 21 -6.23 -5.02 3.47
CA PHE A 21 -5.53 -3.76 3.76
C PHE A 21 -5.83 -2.66 2.75
N TYR A 22 -5.69 -2.99 1.46
CA TYR A 22 -5.85 -1.92 0.46
C TYR A 22 -7.31 -1.49 0.34
N ARG A 23 -8.24 -2.41 0.56
CA ARG A 23 -9.66 -2.08 0.63
C ARG A 23 -9.89 -1.04 1.73
N LYS A 24 -9.26 -1.27 2.89
CA LYS A 24 -9.41 -0.33 3.99
C LYS A 24 -8.79 1.02 3.63
N MSE A 25 -7.77 1.03 2.76
CA MSE A 25 -7.19 2.32 2.40
C MSE A 25 -8.08 3.08 1.44
O MSE A 25 -7.88 4.25 1.08
CB MSE A 25 -5.81 2.10 1.77
CG MSE A 25 -4.74 1.65 2.76
SE MSE A 25 -4.47 2.68 4.25
CE MSE A 25 -4.06 4.23 3.48
H MSE A 25 -7.47 0.30 2.43
HA MSE A 25 -7.08 2.85 3.21
HB2 MSE A 25 -5.89 1.43 1.08
HB3 MSE A 25 -5.52 2.93 1.36
HG2 MSE A 25 -3.90 1.59 2.28
HG3 MSE A 25 -4.97 0.76 3.05
HE1 MSE A 25 -3.87 4.89 4.16
HE2 MSE A 25 -4.80 4.53 2.95
HE3 MSE A 25 -3.28 4.12 2.92
N GLY A 26 -9.14 2.44 0.93
CA GLY A 26 -9.98 3.14 0.00
C GLY A 26 -9.87 2.72 -1.44
N VAL A 27 -8.95 1.79 -1.70
CA VAL A 27 -8.74 1.32 -3.07
C VAL A 27 -9.92 0.46 -3.51
N GLU A 28 -10.39 0.72 -4.72
CA GLU A 28 -11.42 0.01 -5.43
C GLU A 28 -10.92 -1.37 -5.84
N ILE A 29 -11.28 -2.41 -5.11
CA ILE A 29 -10.65 -3.70 -5.45
C ILE A 29 -11.64 -4.52 -6.23
N PRO A 30 -11.23 -5.07 -7.37
CA PRO A 30 -12.10 -5.96 -8.15
C PRO A 30 -12.76 -7.03 -7.30
N ALA A 31 -13.98 -7.42 -7.63
CA ALA A 31 -14.65 -8.53 -6.99
C ALA A 31 -13.80 -9.79 -7.01
N GLU A 32 -13.89 -10.62 -5.97
CA GLU A 32 -13.31 -11.95 -6.12
C GLU A 32 -11.80 -11.96 -6.22
N ALA A 33 -11.17 -10.80 -6.01
CA ALA A 33 -9.72 -10.71 -6.14
C ALA A 33 -8.96 -11.64 -5.20
N ASP A 34 -9.58 -12.08 -4.09
CA ASP A 34 -8.86 -12.97 -3.19
C ASP A 34 -8.44 -14.28 -3.86
N SER A 35 -9.11 -14.71 -4.92
CA SER A 35 -8.78 -15.95 -5.57
C SER A 35 -7.85 -15.75 -6.76
N ALA A 36 -7.48 -14.50 -7.05
CA ALA A 36 -6.73 -14.25 -8.28
C ALA A 36 -5.24 -14.38 -8.07
N PRO A 37 -4.52 -14.83 -9.08
CA PRO A 37 -3.05 -14.84 -9.02
C PRO A 37 -2.45 -13.46 -9.25
N HIS A 38 -3.23 -12.58 -9.84
CA HIS A 38 -2.88 -11.21 -10.22
C HIS A 38 -4.11 -10.32 -10.13
N THR A 39 -4.00 -9.18 -9.43
CA THR A 39 -5.12 -8.26 -9.28
C THR A 39 -4.67 -6.87 -9.67
N GLU A 40 -5.58 -6.12 -10.30
CA GLU A 40 -5.28 -4.74 -10.62
C GLU A 40 -6.36 -3.79 -10.11
N ALA A 41 -5.92 -2.70 -9.55
CA ALA A 41 -6.70 -1.53 -9.23
C ALA A 41 -6.33 -0.39 -10.16
N VAL A 42 -7.33 0.42 -10.47
CA VAL A 42 -7.20 1.53 -11.40
C VAL A 42 -7.11 2.86 -10.67
N LEU A 43 -6.14 3.69 -11.04
CA LEU A 43 -5.92 4.96 -10.42
C LEU A 43 -6.29 6.05 -11.42
N ASP A 44 -6.37 7.27 -10.97
CA ASP A 44 -6.65 8.39 -11.88
C ASP A 44 -5.68 8.37 -13.04
N GLY A 45 -6.15 8.67 -14.23
CA GLY A 45 -5.30 8.71 -15.40
C GLY A 45 -5.11 7.34 -16.04
N GLY A 46 -5.53 6.30 -15.32
CA GLY A 46 -5.48 4.95 -15.78
C GLY A 46 -4.23 4.16 -15.50
N ILE A 47 -3.25 4.72 -14.80
CA ILE A 47 -2.20 3.93 -14.19
C ILE A 47 -2.85 2.91 -13.26
N ARG A 48 -2.27 1.73 -13.33
CA ARG A 48 -2.68 0.58 -12.56
C ARG A 48 -1.73 0.31 -11.39
N LEU A 49 -2.32 -0.10 -10.29
CA LEU A 49 -1.63 -0.70 -9.16
C LEU A 49 -1.96 -2.19 -9.18
N ALA A 50 -0.96 -3.03 -9.24
CA ALA A 50 -1.21 -4.48 -9.38
C ALA A 50 -0.50 -5.23 -8.27
N TRP A 51 -1.05 -6.37 -7.94
CA TRP A 51 -0.48 -7.28 -6.98
C TRP A 51 -0.41 -8.68 -7.62
N ASP A 52 0.71 -9.34 -7.35
CA ASP A 52 0.93 -10.71 -7.84
C ASP A 52 1.26 -11.64 -6.68
N THR A 53 0.70 -12.85 -6.67
CA THR A 53 1.16 -13.74 -5.62
C THR A 53 2.59 -14.20 -5.87
N VAL A 54 3.24 -14.59 -4.77
CA VAL A 54 4.58 -15.17 -4.86
C VAL A 54 4.61 -16.31 -5.86
N GLU A 55 3.57 -17.13 -5.91
CA GLU A 55 3.49 -18.32 -6.75
C GLU A 55 3.58 -17.97 -8.22
N THR A 56 2.89 -16.92 -8.61
CA THR A 56 2.69 -16.25 -9.86
C THR A 56 4.06 -15.72 -10.29
N VAL A 57 4.67 -14.98 -9.35
CA VAL A 57 5.98 -14.42 -9.71
C VAL A 57 6.97 -15.52 -10.02
N ARG A 58 7.02 -16.57 -9.19
CA ARG A 58 8.03 -17.60 -9.37
C ARG A 58 7.81 -18.44 -10.63
N SER A 59 6.63 -18.36 -11.24
CA SER A 59 6.38 -19.11 -12.48
C SER A 59 7.22 -18.56 -13.61
N TYR A 60 7.55 -17.28 -13.61
CA TYR A 60 8.46 -16.77 -14.67
C TYR A 60 9.74 -16.21 -14.08
N ASP A 61 9.80 -15.94 -12.77
CA ASP A 61 10.93 -15.31 -12.13
C ASP A 61 11.26 -16.11 -10.87
N PRO A 62 11.67 -17.36 -11.10
CA PRO A 62 11.86 -18.28 -9.99
C PRO A 62 12.94 -17.78 -9.02
N GLU A 63 13.82 -16.90 -9.50
CA GLU A 63 14.83 -16.40 -8.59
C GLU A 63 14.24 -15.51 -7.50
N TRP A 64 12.99 -15.08 -7.64
CA TRP A 64 12.43 -14.16 -6.67
C TRP A 64 12.50 -14.69 -5.24
N GLN A 65 12.91 -13.80 -4.33
CA GLN A 65 12.88 -14.09 -2.89
C GLN A 65 12.44 -12.85 -2.16
N ALA A 66 11.81 -12.93 -1.00
CA ALA A 66 11.44 -11.66 -0.35
C ALA A 66 12.65 -10.83 0.05
N PRO A 67 12.54 -9.52 0.20
CA PRO A 67 13.69 -8.80 0.75
C PRO A 67 13.67 -8.88 2.28
N THR A 68 14.75 -8.35 2.82
CA THR A 68 14.80 -8.20 4.27
C THR A 68 15.28 -6.80 4.60
N GLY A 69 14.72 -6.22 5.66
CA GLY A 69 15.15 -4.87 5.99
C GLY A 69 14.32 -3.82 5.29
N GLY A 70 14.95 -2.71 4.92
CA GLY A 70 14.15 -1.53 4.64
C GLY A 70 13.47 -1.60 3.29
N HIS A 71 12.57 -0.65 3.12
CA HIS A 71 11.81 -0.54 1.90
C HIS A 71 12.59 0.20 0.82
N ARG A 72 12.44 -0.26 -0.42
CA ARG A 72 12.97 0.60 -1.50
C ARG A 72 11.84 1.49 -1.97
N PHE A 73 10.61 1.08 -1.68
CA PHE A 73 9.46 1.81 -2.21
C PHE A 73 8.43 2.15 -1.16
N ALA A 74 7.60 3.15 -1.46
CA ALA A 74 6.43 3.45 -0.66
C ALA A 74 5.25 3.88 -1.52
N ILE A 75 4.05 3.61 -1.03
CA ILE A 75 2.83 4.10 -1.67
C ILE A 75 2.23 5.19 -0.78
N ALA A 76 1.99 6.35 -1.38
CA ALA A 76 1.55 7.48 -0.56
C ALA A 76 0.10 7.84 -0.83
N PHE A 77 -0.73 7.82 0.20
CA PHE A 77 -2.11 8.19 0.13
C PHE A 77 -2.34 9.59 0.70
N GLU A 78 -3.02 10.42 -0.08
CA GLU A 78 -3.36 11.77 0.33
C GLU A 78 -4.75 11.88 0.95
N PHE A 79 -4.85 12.57 2.09
CA PHE A 79 -6.07 12.78 2.84
C PHE A 79 -6.53 14.23 2.69
N PRO A 80 -7.82 14.50 2.85
CA PRO A 80 -8.35 15.85 2.62
C PRO A 80 -8.02 16.85 3.72
N ASP A 81 -7.49 16.39 4.85
CA ASP A 81 -7.08 17.34 5.89
C ASP A 81 -6.13 16.65 6.85
N THR A 82 -5.43 17.39 7.68
CA THR A 82 -4.39 16.77 8.51
C THR A 82 -4.99 15.91 9.61
N ALA A 83 -6.13 16.28 10.20
CA ALA A 83 -6.69 15.41 11.24
C ALA A 83 -7.05 14.03 10.70
N SER A 84 -7.39 13.95 9.41
CA SER A 84 -7.75 12.65 8.84
C SER A 84 -6.56 11.68 8.84
N VAL A 85 -5.34 12.20 8.80
CA VAL A 85 -4.11 11.41 8.84
C VAL A 85 -4.01 10.72 10.20
N ASP A 86 -4.13 11.55 11.24
CA ASP A 86 -4.04 10.99 12.59
C ASP A 86 -5.10 9.92 12.84
N LYS A 87 -6.31 10.22 12.37
CA LYS A 87 -7.42 9.31 12.63
C LYS A 87 -7.20 8.03 11.85
N LYS A 88 -6.87 8.13 10.56
CA LYS A 88 -6.68 6.88 9.82
C LYS A 88 -5.50 6.07 10.37
N TYR A 89 -4.41 6.76 10.76
CA TYR A 89 -3.30 6.04 11.39
C TYR A 89 -3.81 5.19 12.57
N ALA A 90 -4.64 5.81 13.41
CA ALA A 90 -5.17 5.17 14.60
C ALA A 90 -6.06 3.97 14.21
N GLU A 91 -6.93 4.20 13.22
CA GLU A 91 -7.77 3.10 12.75
C GLU A 91 -6.95 1.91 12.26
N LEU A 92 -5.84 2.21 11.58
CA LEU A 92 -5.06 1.10 11.05
C LEU A 92 -4.34 0.34 12.14
N VAL A 93 -3.80 1.07 13.12
CA VAL A 93 -3.12 0.39 14.21
C VAL A 93 -4.11 -0.49 14.98
N ASP A 94 -5.31 0.04 15.16
CA ASP A 94 -6.34 -0.69 15.88
C ASP A 94 -6.63 -2.05 15.25
N ALA A 95 -6.65 -1.96 13.92
CA ALA A 95 -6.99 -3.11 13.11
C ALA A 95 -5.85 -4.13 13.14
N GLY A 96 -4.71 -3.76 13.71
CA GLY A 96 -3.59 -4.68 13.87
C GLY A 96 -2.44 -4.49 12.90
N TYR A 97 -2.51 -3.44 12.09
CA TYR A 97 -1.47 -3.12 11.11
C TYR A 97 -0.36 -2.42 11.87
N GLU A 98 0.86 -2.58 11.34
CA GLU A 98 2.04 -2.06 12.01
C GLU A 98 2.16 -0.55 11.80
N GLY A 99 2.14 0.18 12.92
CA GLY A 99 2.43 1.60 12.76
C GLY A 99 3.92 1.78 12.82
N HIS A 100 4.50 2.44 11.83
CA HIS A 100 5.95 2.56 11.77
C HIS A 100 6.40 3.91 12.32
N LEU A 101 5.80 4.99 11.82
CA LEU A 101 6.07 6.31 12.35
C LEU A 101 4.76 7.10 12.56
N LYS A 102 4.52 7.41 13.83
CA LYS A 102 3.29 8.09 14.19
C LYS A 102 3.26 9.49 13.58
N PRO A 103 2.05 10.00 13.38
CA PRO A 103 1.94 11.28 12.68
C PRO A 103 2.80 12.37 13.25
N TRP A 104 3.36 13.13 12.32
CA TRP A 104 4.25 14.25 12.62
C TRP A 104 4.09 15.34 11.58
N ASN A 105 4.53 16.56 11.92
CA ASN A 105 4.56 17.64 10.93
C ASN A 105 5.89 17.58 10.21
N ALA A 106 5.91 17.13 8.93
CA ALA A 106 7.16 17.01 8.20
C ALA A 106 7.71 18.34 7.71
N VAL A 107 9.05 18.33 7.60
CA VAL A 107 9.83 19.53 7.22
C VAL A 107 9.41 19.99 5.84
N TRP A 108 8.87 19.06 5.03
CA TRP A 108 8.45 19.46 3.68
C TRP A 108 7.03 19.98 3.62
N GLY A 109 6.36 20.16 4.76
CA GLY A 109 5.10 20.88 4.79
C GLY A 109 3.85 20.06 4.79
N GLN A 110 3.93 18.81 5.27
CA GLN A 110 2.77 17.95 5.33
C GLN A 110 2.66 17.28 6.69
N ARG A 111 1.44 17.03 7.14
CA ARG A 111 1.23 16.08 8.21
C ARG A 111 1.42 14.68 7.61
N TYR A 112 2.28 13.87 8.22
CA TYR A 112 2.74 12.64 7.59
C TYR A 112 2.67 11.53 8.60
N ALA A 113 2.47 10.32 8.15
CA ALA A 113 2.54 9.15 9.02
C ALA A 113 2.80 7.92 8.13
N ILE A 114 3.38 6.89 8.73
CA ILE A 114 3.82 5.73 7.97
C ILE A 114 3.34 4.47 8.65
N VAL A 115 2.64 3.65 7.88
CA VAL A 115 2.27 2.31 8.34
C VAL A 115 2.89 1.26 7.44
N LYS A 116 2.84 0.00 7.87
CA LYS A 116 3.23 -1.09 6.98
C LYS A 116 2.06 -1.98 6.58
N ASP A 117 2.08 -2.42 5.33
CA ASP A 117 1.04 -3.34 4.84
C ASP A 117 1.33 -4.74 5.41
N PRO A 118 0.52 -5.76 5.16
CA PRO A 118 0.80 -7.08 5.70
C PRO A 118 2.15 -7.67 5.33
N ASP A 119 2.68 -7.30 4.18
CA ASP A 119 3.96 -7.87 3.73
C ASP A 119 5.12 -7.03 4.23
N GLY A 120 4.85 -5.93 4.91
CA GLY A 120 5.88 -5.04 5.43
C GLY A 120 6.21 -3.88 4.50
N ASN A 121 5.43 -3.70 3.43
CA ASN A 121 5.59 -2.62 2.48
C ASN A 121 5.18 -1.30 3.14
N VAL A 122 5.83 -0.23 2.78
CA VAL A 122 5.67 1.08 3.44
C VAL A 122 4.53 1.83 2.81
N VAL A 123 3.59 2.24 3.65
CA VAL A 123 2.46 3.03 3.17
C VAL A 123 2.42 4.34 3.93
N ASP A 124 2.52 5.42 3.17
CA ASP A 124 2.55 6.77 3.73
C ASP A 124 1.16 7.34 3.73
N LEU A 125 0.79 8.08 4.76
CA LEU A 125 -0.45 8.81 4.88
C LEU A 125 -0.09 10.29 5.02
N PHE A 126 -0.69 11.15 4.24
CA PHE A 126 -0.28 12.56 4.36
C PHE A 126 -1.40 13.50 3.94
N ALA A 127 -1.27 14.75 4.39
CA ALA A 127 -2.10 15.86 3.97
C ALA A 127 -1.29 17.15 4.08
N PRO A 128 -1.49 18.11 3.21
CA PRO A 128 -0.78 19.38 3.38
C PRO A 128 -1.19 20.14 4.65
N LEU A 129 -0.14 20.79 5.16
CA LEU A 129 -0.27 21.52 6.43
C LEU A 129 -1.03 22.80 6.15
N PRO A 130 -1.87 23.35 6.99
CA PRO A 130 -2.41 24.69 6.74
C PRO A 130 -1.32 25.71 6.41
C51 MC B . 0.31 -10.76 -14.93
C5 MC B . -0.35 -11.97 -14.54
C6 MC B . -1.75 -12.13 -14.99
C7 MC B . -2.36 -11.21 -15.77
C8 MC B . -1.61 -9.96 -16.13
C81 MC B . -0.28 -9.84 -15.65
C9 MC B . 0.69 -8.71 -15.83
C91 MC B . 1.76 -9.12 -15.21
C11 MC B . -2.44 -13.39 -14.55
N4 MC B . 1.58 -10.34 -14.61
N7 MC B . -3.66 -11.31 -16.21
O5 MC B . 0.27 -12.75 -13.85
O8 MC B . -2.21 -9.13 -16.81
C10 MC B . 0.41 -7.48 -16.52
O10 MC B . 1.68 -6.66 -16.42
C12 MC B . 1.45 -5.60 -17.20
O13 MC B . 0.48 -5.09 -17.71
N14 MC B . 2.58 -4.88 -17.14
C1 MC B . 3.22 -8.75 -14.71
C2 MC B . 3.79 -9.68 -13.80
C3 MC B . 2.77 -10.76 -13.73
N1 MC B . 4.36 -9.40 -12.62
O0 MC B . 3.43 -7.64 -14.10
H111 MC B . -1.85 -13.91 -14.00
H112 MC B . -2.70 -13.90 -15.32
H113 MC B . -3.23 -13.17 -14.04
H71 MC B . -4.14 -12.00 -15.98
H72 MC B . -4.01 -10.69 -16.69
H141 MC B . 2.59 -4.07 -17.46
H142 MC B . 3.29 -5.19 -16.79
H1 MC B . 3.79 -8.75 -15.51
H2 MC B . 4.52 -10.08 -14.31
H31 MC B . 2.48 -10.89 -12.82
H32 MC B . 3.14 -11.59 -14.05
H11 MC B . 4.40 -8.59 -12.34
H12 MC B . 4.68 -10.04 -12.15
H0 MC B . 3.89 -7.79 -13.43
#